data_5AIC
#
_entry.id   5AIC
#
_cell.length_a   92.301
_cell.length_b   92.301
_cell.length_c   243.361
_cell.angle_alpha   90.00
_cell.angle_beta   90.00
_cell.angle_gamma   120.00
#
_symmetry.space_group_name_H-M   'P 65 2 2'
#
loop_
_entity.id
_entity.type
_entity.pdbx_description
1 polymer 'BIFUNCTIONAL EPOXIDE HYDROLASE 2'
2 non-polymer 'SULFATE ION'
3 non-polymer DI(HYDROXYETHYL)ETHER
4 non-polymer 7-methyl-2H-1,4-benzothiazin-3(4H)-one
5 water water
#
_entity_poly.entity_id   1
_entity_poly.type   'polypeptide(L)'
_entity_poly.pdbx_seq_one_letter_code
;GMTLRAAVFDLDGVLALPAVFGVLGRTEEALALPRGLLNDAFQKGGPEGATTRLMKGEITLSQWIPLMEENCRKCSETAK
VCLPKNFSIKEIFDKAISARKINRPMLQAALMLRKKGFTTAILTNTWLDDRAERDGLAQLMCELKMHFDFLIESCQVGMV
KPEPQIYKFLLDTLKASPSEVVFLDDIGANLKPARDLGMVTILVQDTDTALKELEKVTGIQLLNTPAPLPTSCNPSDMSH
GYVTVKPRVRLHFVELGSGPAVCLCHGFPESWYSWRYQIPALAQAGYRVLAMDMKGYGESSAPPEIEEYCMEVLCKEMVT
FLDKLGLSQAVFIGHDWGGMLVWYMALFYPERVRAVASLNTPFIPANPNMSPLESIKANPVFDYQLYFQEPGVAEAELEQ
NLSRTFKSLFRASDESVLSMHKVCEAGGLFVNSPEEPSLSRMVTEEEIQFYVQQFKKSGFRGPLNWYRNMERNWKWACKS
LGRKILIPALMVTAEKDFVLVPQMSQHMEDWIPHLKRGHIEDCGHWTQMDKPTEVNQILIKWLDSDARN
;
_entity_poly.pdbx_strand_id   A
#
loop_
_chem_comp.id
_chem_comp.type
_chem_comp.name
_chem_comp.formula
PEG non-polymer DI(HYDROXYETHYL)ETHER 'C4 H10 O3'
SO4 non-polymer 'SULFATE ION' 'O4 S -2'
TGX non-polymer 7-methyl-2H-1,4-benzothiazin-3(4H)-one 'C9 H9 N O S'
#
# COMPACT_ATOMS: atom_id res chain seq x y z
N THR A 3 -7.60 -33.43 3.61
CA THR A 3 -8.03 -32.03 3.67
C THR A 3 -6.92 -31.03 3.23
N LEU A 4 -7.29 -30.12 2.30
CA LEU A 4 -6.36 -29.14 1.73
C LEU A 4 -5.93 -28.06 2.71
N ARG A 5 -4.64 -27.74 2.69
CA ARG A 5 -4.08 -26.67 3.52
C ARG A 5 -3.02 -25.82 2.78
N ALA A 6 -2.75 -26.15 1.52
CA ALA A 6 -1.79 -25.43 0.67
C ALA A 6 -2.29 -25.25 -0.74
N ALA A 7 -2.03 -24.06 -1.33
CA ALA A 7 -2.41 -23.79 -2.70
C ALA A 7 -1.19 -23.29 -3.45
N VAL A 8 -0.96 -23.86 -4.62
CA VAL A 8 0.20 -23.53 -5.44
C VAL A 8 -0.28 -23.02 -6.79
N PHE A 9 0.31 -21.91 -7.22
CA PHE A 9 -0.05 -21.28 -8.47
C PHE A 9 1.12 -21.14 -9.39
N ASP A 10 0.87 -21.32 -10.69
CA ASP A 10 1.89 -21.06 -11.70
C ASP A 10 1.85 -19.52 -11.93
N LEU A 11 2.87 -18.98 -12.58
CA LEU A 11 2.90 -17.56 -12.91
C LEU A 11 2.28 -17.32 -14.28
N ASP A 12 2.94 -17.78 -15.35
CA ASP A 12 2.48 -17.56 -16.72
C ASP A 12 1.15 -18.23 -17.00
N GLY A 13 0.17 -17.44 -17.44
CA GLY A 13 -1.18 -17.92 -17.74
C GLY A 13 -2.03 -18.26 -16.53
N VAL A 14 -1.55 -17.99 -15.31
CA VAL A 14 -2.32 -18.26 -14.10
C VAL A 14 -2.41 -16.98 -13.27
N LEU A 15 -1.29 -16.56 -12.62
CA LEU A 15 -1.26 -15.32 -11.80
C LEU A 15 -0.97 -14.09 -12.66
N ALA A 16 -0.50 -14.32 -13.89
CA ALA A 16 -0.15 -13.26 -14.82
C ALA A 16 -0.67 -13.58 -16.22
N LEU A 17 -1.36 -12.60 -16.81
CA LEU A 17 -1.99 -12.69 -18.13
C LEU A 17 -1.81 -11.41 -18.97
N PRO A 18 -1.79 -11.52 -20.33
CA PRO A 18 -1.81 -12.75 -21.15
C PRO A 18 -0.50 -13.52 -21.00
N ALA A 19 -0.57 -14.85 -21.10
CA ALA A 19 0.59 -15.72 -21.03
C ALA A 19 1.65 -15.34 -22.08
N VAL A 20 2.95 -15.31 -21.68
CA VAL A 20 4.10 -15.01 -22.57
C VAL A 20 4.11 -16.08 -23.69
N PHE A 21 3.72 -17.33 -23.35
CA PHE A 21 3.46 -18.44 -24.26
C PHE A 21 2.14 -18.02 -24.96
N GLY A 22 2.00 -18.26 -26.25
CA GLY A 22 0.78 -17.84 -26.92
C GLY A 22 0.96 -16.54 -27.68
N VAL A 23 2.07 -15.83 -27.39
CA VAL A 23 2.51 -14.63 -28.10
C VAL A 23 3.34 -15.18 -29.26
N LEU A 24 3.94 -16.38 -29.10
CA LEU A 24 4.64 -17.09 -30.16
C LEU A 24 3.61 -17.46 -31.23
N GLY A 25 2.43 -17.91 -30.78
CA GLY A 25 1.28 -18.23 -31.61
C GLY A 25 0.69 -16.98 -32.25
N ARG A 26 0.56 -15.90 -31.44
CA ARG A 26 0.05 -14.59 -31.88
C ARG A 26 0.93 -13.97 -32.96
N THR A 27 2.26 -14.08 -32.80
CA THR A 27 3.27 -13.60 -33.75
C THR A 27 3.18 -14.35 -35.08
N GLU A 28 3.04 -15.70 -35.01
CA GLU A 28 2.89 -16.56 -36.20
C GLU A 28 1.71 -16.09 -37.05
N GLU A 29 0.56 -15.81 -36.41
CA GLU A 29 -0.67 -15.35 -37.05
C GLU A 29 -0.51 -13.99 -37.71
N ALA A 30 0.06 -13.00 -36.98
CA ALA A 30 0.29 -11.64 -37.48
C ALA A 30 1.29 -11.59 -38.63
N LEU A 31 2.32 -12.47 -38.61
CA LEU A 31 3.34 -12.52 -39.64
C LEU A 31 3.08 -13.56 -40.74
N ALA A 32 1.91 -14.26 -40.68
CA ALA A 32 1.51 -15.33 -41.61
C ALA A 32 2.61 -16.41 -41.75
N LEU A 33 3.22 -16.76 -40.63
CA LEU A 33 4.24 -17.80 -40.57
C LEU A 33 3.54 -19.15 -40.43
N PRO A 34 4.18 -20.29 -40.82
CA PRO A 34 3.54 -21.60 -40.61
C PRO A 34 3.20 -21.80 -39.14
N ARG A 35 1.98 -22.28 -38.86
CA ARG A 35 1.47 -22.51 -37.52
C ARG A 35 2.44 -23.37 -36.68
N GLY A 36 2.72 -22.92 -35.46
CA GLY A 36 3.60 -23.63 -34.53
C GLY A 36 5.09 -23.53 -34.77
N LEU A 37 5.53 -22.79 -35.83
CA LEU A 37 6.96 -22.58 -36.19
C LEU A 37 7.79 -22.02 -35.01
N LEU A 38 7.28 -20.95 -34.38
CA LEU A 38 7.92 -20.28 -33.26
C LEU A 38 7.84 -21.13 -32.01
N ASN A 39 6.69 -21.81 -31.79
CA ASN A 39 6.51 -22.68 -30.63
C ASN A 39 7.45 -23.88 -30.72
N ASP A 40 7.73 -24.35 -31.95
CA ASP A 40 8.63 -25.47 -32.18
C ASP A 40 10.09 -25.06 -31.93
N ALA A 41 10.50 -23.87 -32.41
CA ALA A 41 11.85 -23.34 -32.20
C ALA A 41 12.09 -23.09 -30.71
N PHE A 42 11.03 -22.66 -29.99
CA PHE A 42 11.04 -22.41 -28.55
C PHE A 42 11.35 -23.69 -27.76
N GLN A 43 10.67 -24.79 -28.08
CA GLN A 43 10.90 -26.05 -27.38
C GLN A 43 11.99 -26.99 -28.00
N LYS A 44 12.64 -26.57 -29.11
CA LYS A 44 13.68 -27.37 -29.79
C LYS A 44 14.73 -28.00 -28.83
N GLY A 45 14.97 -29.30 -29.00
CA GLY A 45 15.94 -30.06 -28.20
C GLY A 45 15.42 -30.57 -26.87
N GLY A 46 14.18 -30.22 -26.55
CA GLY A 46 13.47 -30.60 -25.33
C GLY A 46 14.26 -30.41 -24.05
N PRO A 47 14.51 -31.51 -23.29
CA PRO A 47 15.25 -31.39 -22.02
C PRO A 47 16.72 -30.98 -22.14
N GLU A 48 17.31 -31.16 -23.33
CA GLU A 48 18.70 -30.80 -23.61
C GLU A 48 18.78 -29.47 -24.37
N GLY A 49 17.64 -28.92 -24.78
CA GLY A 49 17.57 -27.70 -25.57
C GLY A 49 17.92 -26.42 -24.84
N ALA A 50 18.09 -25.33 -25.59
CA ALA A 50 18.44 -24.00 -25.08
C ALA A 50 17.44 -23.45 -24.05
N THR A 51 16.13 -23.68 -24.28
CA THR A 51 15.06 -23.22 -23.38
C THR A 51 15.11 -23.88 -22.04
N THR A 52 15.40 -25.20 -21.99
CA THR A 52 15.51 -25.90 -20.71
C THR A 52 16.74 -25.35 -19.95
N ARG A 53 17.85 -25.13 -20.66
CA ARG A 53 19.07 -24.54 -20.07
C ARG A 53 18.74 -23.17 -19.44
N LEU A 54 17.97 -22.35 -20.17
CA LEU A 54 17.51 -21.06 -19.70
C LEU A 54 16.66 -21.22 -18.43
N MET A 55 15.64 -22.10 -18.50
CA MET A 55 14.73 -22.34 -17.38
C MET A 55 15.41 -22.93 -16.14
N LYS A 56 16.55 -23.61 -16.30
CA LYS A 56 17.30 -24.16 -15.16
C LYS A 56 18.31 -23.18 -14.57
N GLY A 57 18.47 -22.02 -15.21
CA GLY A 57 19.41 -20.99 -14.80
C GLY A 57 20.83 -21.22 -15.29
N GLU A 58 21.03 -22.13 -16.28
CA GLU A 58 22.38 -22.39 -16.81
C GLU A 58 22.91 -21.20 -17.60
N ILE A 59 21.98 -20.49 -18.26
CA ILE A 59 22.26 -19.32 -19.07
C ILE A 59 21.21 -18.23 -18.75
N THR A 60 21.52 -16.99 -19.10
CA THR A 60 20.62 -15.85 -18.93
C THR A 60 19.74 -15.66 -20.16
N LEU A 61 18.66 -14.86 -20.01
CA LEU A 61 17.76 -14.54 -21.11
C LEU A 61 18.51 -13.89 -22.28
N SER A 62 19.45 -12.95 -22.02
CA SER A 62 20.20 -12.33 -23.11
C SER A 62 21.11 -13.31 -23.87
N GLN A 63 21.62 -14.34 -23.21
CA GLN A 63 22.41 -15.38 -23.88
C GLN A 63 21.46 -16.29 -24.69
N TRP A 64 20.23 -16.52 -24.20
CA TRP A 64 19.24 -17.40 -24.84
C TRP A 64 18.72 -16.81 -26.15
N ILE A 65 18.53 -15.48 -26.20
CA ILE A 65 18.00 -14.78 -27.40
C ILE A 65 18.64 -15.24 -28.73
N PRO A 66 19.99 -15.19 -28.95
CA PRO A 66 20.53 -15.68 -30.23
C PRO A 66 20.37 -17.19 -30.45
N LEU A 67 20.29 -17.99 -29.37
CA LEU A 67 20.06 -19.44 -29.51
C LEU A 67 18.63 -19.71 -30.04
N MET A 68 17.65 -18.92 -29.55
CA MET A 68 16.27 -18.99 -30.02
C MET A 68 16.21 -18.55 -31.50
N GLU A 69 16.99 -17.49 -31.86
CA GLU A 69 17.09 -16.98 -33.23
C GLU A 69 17.66 -18.05 -34.19
N GLU A 70 18.65 -18.84 -33.73
CA GLU A 70 19.23 -19.93 -34.52
C GLU A 70 18.18 -21.05 -34.70
N ASN A 71 17.42 -21.39 -33.64
CA ASN A 71 16.36 -22.41 -33.69
C ASN A 71 15.24 -22.02 -34.66
N CYS A 72 14.88 -20.72 -34.70
CA CYS A 72 13.84 -20.19 -35.60
C CYS A 72 14.25 -20.33 -37.07
N ARG A 73 15.56 -20.09 -37.36
CA ARG A 73 16.16 -20.23 -38.69
C ARG A 73 16.10 -21.71 -39.14
N LYS A 74 16.54 -22.64 -38.26
CA LYS A 74 16.53 -24.10 -38.52
C LYS A 74 15.10 -24.62 -38.78
N CYS A 75 14.11 -24.14 -37.99
CA CYS A 75 12.70 -24.50 -38.15
C CYS A 75 12.11 -23.96 -39.46
N SER A 76 12.39 -22.68 -39.82
CA SER A 76 11.93 -22.08 -41.07
C SER A 76 12.53 -22.79 -42.30
N GLU A 77 13.82 -23.18 -42.21
CA GLU A 77 14.56 -23.90 -43.25
C GLU A 77 13.87 -25.25 -43.55
N THR A 78 13.55 -26.03 -42.50
CA THR A 78 12.89 -27.34 -42.60
C THR A 78 11.46 -27.20 -43.18
N ALA A 79 10.70 -26.18 -42.72
CA ALA A 79 9.34 -25.88 -43.16
C ALA A 79 9.33 -25.22 -44.56
N LYS A 80 10.52 -24.94 -45.14
CA LYS A 80 10.75 -24.31 -46.44
C LYS A 80 10.04 -22.95 -46.59
N VAL A 81 10.26 -22.09 -45.59
CA VAL A 81 9.71 -20.74 -45.48
C VAL A 81 10.80 -19.73 -45.10
N CYS A 82 10.51 -18.43 -45.27
CA CYS A 82 11.43 -17.36 -44.92
C CYS A 82 10.86 -16.48 -43.83
N LEU A 83 11.71 -16.11 -42.86
CA LEU A 83 11.34 -15.21 -41.76
C LEU A 83 11.39 -13.78 -42.28
N PRO A 84 10.51 -12.85 -41.81
CA PRO A 84 10.54 -11.46 -42.33
C PRO A 84 11.86 -10.70 -42.13
N LYS A 85 12.02 -9.59 -42.89
CA LYS A 85 13.19 -8.70 -42.91
C LYS A 85 13.59 -8.18 -41.52
N ASN A 86 12.61 -7.67 -40.74
CA ASN A 86 12.85 -7.13 -39.39
C ASN A 86 12.42 -8.07 -38.24
N PHE A 87 12.64 -9.38 -38.42
CA PHE A 87 12.30 -10.39 -37.41
C PHE A 87 13.25 -10.31 -36.22
N SER A 88 12.69 -10.03 -35.03
CA SER A 88 13.46 -9.88 -33.80
C SER A 88 12.82 -10.58 -32.60
N ILE A 89 13.50 -11.62 -32.09
CA ILE A 89 13.07 -12.39 -30.91
C ILE A 89 13.03 -11.46 -29.70
N LYS A 90 14.05 -10.59 -29.58
CA LYS A 90 14.14 -9.61 -28.49
C LYS A 90 12.88 -8.73 -28.44
N GLU A 91 12.50 -8.13 -29.59
CA GLU A 91 11.31 -7.25 -29.69
C GLU A 91 10.04 -7.99 -29.30
N ILE A 92 9.85 -9.22 -29.84
CA ILE A 92 8.71 -10.09 -29.55
C ILE A 92 8.60 -10.36 -28.03
N PHE A 93 9.72 -10.75 -27.40
CA PHE A 93 9.73 -11.04 -25.97
C PHE A 93 9.60 -9.80 -25.09
N ASP A 94 10.24 -8.66 -25.48
CA ASP A 94 10.09 -7.40 -24.76
C ASP A 94 8.61 -7.01 -24.69
N LYS A 95 7.92 -7.05 -25.84
CA LYS A 95 6.49 -6.70 -25.94
C LYS A 95 5.60 -7.65 -25.13
N ALA A 96 5.82 -8.98 -25.22
CA ALA A 96 5.05 -9.99 -24.48
C ALA A 96 5.18 -9.85 -22.97
N ILE A 97 6.42 -9.64 -22.47
CA ILE A 97 6.70 -9.49 -21.03
C ILE A 97 6.01 -8.24 -20.48
N SER A 98 6.18 -7.10 -21.19
CA SER A 98 5.59 -5.80 -20.87
C SER A 98 4.06 -5.83 -20.88
N ALA A 99 3.45 -6.64 -21.77
CA ALA A 99 1.99 -6.75 -21.89
C ALA A 99 1.38 -7.61 -20.77
N ARG A 100 2.16 -8.57 -20.23
CA ARG A 100 1.73 -9.47 -19.18
C ARG A 100 1.57 -8.73 -17.86
N LYS A 101 0.35 -8.76 -17.30
CA LYS A 101 0.00 -8.07 -16.07
C LYS A 101 -0.54 -9.09 -15.10
N ILE A 102 -0.63 -8.71 -13.82
CA ILE A 102 -1.18 -9.56 -12.77
C ILE A 102 -2.63 -9.85 -13.10
N ASN A 103 -3.05 -11.13 -12.92
CA ASN A 103 -4.41 -11.59 -13.11
C ASN A 103 -5.05 -11.35 -11.77
N ARG A 104 -5.61 -10.14 -11.60
CA ARG A 104 -6.17 -9.68 -10.32
C ARG A 104 -7.14 -10.62 -9.62
N PRO A 105 -8.15 -11.28 -10.28
CA PRO A 105 -9.02 -12.22 -9.55
C PRO A 105 -8.30 -13.48 -9.09
N MET A 106 -7.23 -13.92 -9.81
CA MET A 106 -6.45 -15.09 -9.39
C MET A 106 -5.68 -14.71 -8.11
N LEU A 107 -5.06 -13.51 -8.12
CA LEU A 107 -4.35 -13.01 -6.94
C LEU A 107 -5.30 -12.87 -5.75
N GLN A 108 -6.52 -12.33 -5.97
CA GLN A 108 -7.52 -12.17 -4.89
C GLN A 108 -7.90 -13.49 -4.28
N ALA A 109 -8.04 -14.54 -5.13
CA ALA A 109 -8.37 -15.88 -4.68
C ALA A 109 -7.22 -16.41 -3.80
N ALA A 110 -5.94 -16.25 -4.26
CA ALA A 110 -4.78 -16.67 -3.46
C ALA A 110 -4.75 -15.95 -2.10
N LEU A 111 -5.09 -14.64 -2.10
CA LEU A 111 -5.13 -13.81 -0.88
C LEU A 111 -6.17 -14.32 0.11
N MET A 112 -7.37 -14.67 -0.38
CA MET A 112 -8.46 -15.20 0.43
C MET A 112 -8.08 -16.56 1.05
N LEU A 113 -7.46 -17.47 0.27
CA LEU A 113 -7.04 -18.78 0.78
C LEU A 113 -6.04 -18.64 1.90
N ARG A 114 -5.05 -17.74 1.71
CA ARG A 114 -4.01 -17.46 2.71
C ARG A 114 -4.64 -16.81 3.96
N LYS A 115 -5.63 -15.92 3.76
CA LYS A 115 -6.37 -15.27 4.86
C LYS A 115 -7.10 -16.34 5.71
N LYS A 116 -7.51 -17.46 5.09
CA LYS A 116 -8.17 -18.60 5.77
C LYS A 116 -7.21 -19.65 6.38
N GLY A 117 -5.92 -19.38 6.37
CA GLY A 117 -4.93 -20.29 6.97
C GLY A 117 -4.14 -21.15 6.04
N PHE A 118 -4.37 -21.03 4.73
CA PHE A 118 -3.63 -21.80 3.72
C PHE A 118 -2.20 -21.26 3.57
N THR A 119 -1.25 -22.16 3.28
CA THR A 119 0.12 -21.80 2.92
C THR A 119 0.02 -21.65 1.41
N THR A 120 0.52 -20.54 0.87
CA THR A 120 0.41 -20.36 -0.58
C THR A 120 1.79 -20.26 -1.18
N ALA A 121 1.94 -20.67 -2.43
CA ALA A 121 3.21 -20.58 -3.13
C ALA A 121 3.02 -20.35 -4.60
N ILE A 122 4.03 -19.75 -5.21
CA ILE A 122 4.14 -19.60 -6.64
C ILE A 122 5.22 -20.60 -7.05
N LEU A 123 4.92 -21.46 -8.02
CA LEU A 123 5.93 -22.38 -8.55
C LEU A 123 6.01 -22.04 -10.03
N THR A 124 7.19 -21.62 -10.49
CA THR A 124 7.27 -21.19 -11.88
C THR A 124 8.53 -21.56 -12.63
N ASN A 125 8.36 -21.91 -13.94
CA ASN A 125 9.46 -22.07 -14.86
C ASN A 125 9.73 -20.66 -15.39
N THR A 126 10.85 -20.06 -14.97
CA THR A 126 11.21 -18.71 -15.36
C THR A 126 12.70 -18.63 -15.63
N TRP A 127 13.18 -17.45 -16.00
CA TRP A 127 14.55 -17.21 -16.44
C TRP A 127 15.24 -16.13 -15.61
N LEU A 128 16.58 -16.05 -15.74
CA LEU A 128 17.42 -14.99 -15.17
C LEU A 128 17.37 -13.86 -16.18
N ASP A 129 16.65 -12.78 -15.85
CA ASP A 129 16.42 -11.68 -16.78
C ASP A 129 17.43 -10.54 -16.64
N ASP A 130 18.36 -10.47 -17.61
CA ASP A 130 19.41 -9.45 -17.75
C ASP A 130 19.17 -8.49 -18.93
N ARG A 131 17.94 -8.44 -19.44
CA ARG A 131 17.63 -7.52 -20.54
C ARG A 131 17.65 -6.08 -20.04
N ALA A 132 17.92 -5.10 -20.93
CA ALA A 132 17.90 -3.68 -20.53
C ALA A 132 16.54 -3.31 -19.89
N GLU A 133 15.42 -3.94 -20.32
CA GLU A 133 14.09 -3.68 -19.77
C GLU A 133 13.59 -4.66 -18.67
N ARG A 134 14.54 -5.35 -17.99
CA ARG A 134 14.23 -6.32 -16.92
C ARG A 134 13.43 -5.76 -15.73
N ASP A 135 13.55 -4.44 -15.45
CA ASP A 135 12.87 -3.83 -14.30
C ASP A 135 11.34 -4.03 -14.28
N GLY A 136 10.72 -4.06 -15.46
CA GLY A 136 9.27 -4.28 -15.57
C GLY A 136 8.85 -5.59 -14.93
N LEU A 137 9.53 -6.68 -15.30
CA LEU A 137 9.27 -8.02 -14.74
C LEU A 137 9.72 -8.03 -13.26
N ALA A 138 10.84 -7.34 -12.90
CA ALA A 138 11.28 -7.29 -11.50
C ALA A 138 10.13 -6.68 -10.64
N GLN A 139 9.51 -5.59 -11.13
CA GLN A 139 8.39 -4.92 -10.47
C GLN A 139 7.16 -5.86 -10.30
N LEU A 140 6.81 -6.59 -11.37
CA LEU A 140 5.66 -7.51 -11.33
C LEU A 140 5.90 -8.60 -10.29
N MET A 141 7.10 -9.20 -10.32
CA MET A 141 7.45 -10.26 -9.38
C MET A 141 7.45 -9.76 -7.95
N CYS A 142 7.91 -8.52 -7.72
CA CYS A 142 7.92 -7.92 -6.39
C CYS A 142 6.56 -7.77 -5.83
N GLU A 143 5.63 -7.24 -6.66
CA GLU A 143 4.25 -7.06 -6.25
C GLU A 143 3.61 -8.40 -5.90
N LEU A 144 3.71 -9.40 -6.80
CA LEU A 144 3.12 -10.72 -6.57
C LEU A 144 3.69 -11.45 -5.36
N LYS A 145 5.04 -11.59 -5.27
CA LYS A 145 5.71 -12.41 -4.24
C LYS A 145 5.37 -12.09 -2.80
N MET A 146 5.14 -10.80 -2.48
CA MET A 146 4.83 -10.34 -1.13
C MET A 146 3.55 -10.98 -0.58
N HIS A 147 2.66 -11.43 -1.47
CA HIS A 147 1.36 -12.01 -1.11
C HIS A 147 1.39 -13.51 -0.87
N PHE A 148 2.55 -14.14 -1.01
CA PHE A 148 2.69 -15.60 -0.90
C PHE A 148 3.72 -16.02 0.13
N ASP A 149 3.55 -17.23 0.68
CA ASP A 149 4.51 -17.75 1.65
C ASP A 149 5.81 -18.13 0.97
N PHE A 150 5.74 -18.61 -0.28
CA PHE A 150 6.93 -19.05 -1.01
C PHE A 150 6.86 -18.71 -2.49
N LEU A 151 8.03 -18.45 -3.07
CA LEU A 151 8.20 -18.25 -4.49
C LEU A 151 9.29 -19.24 -4.90
N ILE A 152 8.94 -20.20 -5.76
CA ILE A 152 9.91 -21.20 -6.23
C ILE A 152 10.10 -20.97 -7.71
N GLU A 153 11.32 -20.61 -8.09
CA GLU A 153 11.67 -20.32 -9.49
C GLU A 153 12.63 -21.34 -9.99
N SER A 154 12.27 -21.96 -11.12
CA SER A 154 13.08 -22.98 -11.76
C SER A 154 14.54 -22.57 -11.96
N CYS A 155 14.80 -21.32 -12.40
CA CYS A 155 16.16 -20.84 -12.67
C CYS A 155 17.03 -20.66 -11.40
N GLN A 156 16.39 -20.60 -10.23
CA GLN A 156 17.10 -20.49 -8.96
C GLN A 156 17.35 -21.88 -8.33
N VAL A 157 16.41 -22.82 -8.55
CA VAL A 157 16.50 -24.19 -8.01
C VAL A 157 17.20 -25.19 -8.93
N GLY A 158 17.41 -24.82 -10.20
CA GLY A 158 18.09 -25.65 -11.19
C GLY A 158 17.31 -26.89 -11.60
N MET A 159 15.97 -26.83 -11.47
CA MET A 159 15.01 -27.91 -11.76
C MET A 159 13.85 -27.29 -12.49
N VAL A 160 13.20 -28.06 -13.34
CA VAL A 160 12.13 -27.49 -14.14
C VAL A 160 10.88 -28.36 -14.13
N LYS A 161 9.69 -27.76 -14.21
CA LYS A 161 8.46 -28.55 -14.40
C LYS A 161 8.56 -29.03 -15.87
N PRO A 162 8.21 -30.29 -16.22
CA PRO A 162 7.56 -31.34 -15.43
C PRO A 162 8.47 -32.39 -14.77
N GLU A 163 9.76 -32.05 -14.51
CA GLU A 163 10.68 -33.01 -13.88
C GLU A 163 10.14 -33.37 -12.50
N PRO A 164 10.05 -34.67 -12.16
CA PRO A 164 9.49 -35.05 -10.86
C PRO A 164 10.14 -34.43 -9.61
N GLN A 165 11.45 -34.08 -9.68
CA GLN A 165 12.21 -33.53 -8.55
C GLN A 165 11.70 -32.19 -8.02
N ILE A 166 11.27 -31.30 -8.93
CA ILE A 166 10.75 -29.98 -8.54
C ILE A 166 9.48 -30.13 -7.66
N TYR A 167 8.65 -31.18 -7.93
CA TYR A 167 7.43 -31.45 -7.16
C TYR A 167 7.75 -31.92 -5.76
N LYS A 168 8.79 -32.78 -5.62
CA LYS A 168 9.24 -33.23 -4.30
C LYS A 168 9.83 -32.04 -3.54
N PHE A 169 10.56 -31.16 -4.26
CA PHE A 169 11.14 -29.95 -3.67
C PHE A 169 10.00 -29.02 -3.18
N LEU A 170 8.94 -28.88 -3.99
CA LEU A 170 7.76 -28.07 -3.62
C LEU A 170 7.16 -28.59 -2.30
N LEU A 171 6.91 -29.91 -2.23
CA LEU A 171 6.32 -30.55 -1.06
C LEU A 171 7.17 -30.38 0.17
N ASP A 172 8.52 -30.46 0.01
CA ASP A 172 9.45 -30.25 1.11
C ASP A 172 9.37 -28.80 1.59
N THR A 173 9.28 -27.84 0.66
CA THR A 173 9.19 -26.44 1.11
C THR A 173 7.85 -26.12 1.76
N LEU A 174 6.75 -26.72 1.28
CA LEU A 174 5.43 -26.51 1.87
C LEU A 174 5.27 -27.24 3.22
N LYS A 175 6.10 -28.31 3.46
CA LYS A 175 6.05 -29.16 4.68
C LYS A 175 4.63 -29.78 4.75
N ALA A 176 4.16 -30.30 3.61
CA ALA A 176 2.82 -30.85 3.46
C ALA A 176 2.79 -32.10 2.61
N SER A 177 1.86 -33.02 2.92
CA SER A 177 1.69 -34.25 2.15
C SER A 177 0.94 -33.87 0.85
N PRO A 178 1.16 -34.59 -0.27
CA PRO A 178 0.51 -34.19 -1.53
C PRO A 178 -1.01 -33.99 -1.54
N SER A 179 -1.78 -34.86 -0.82
CA SER A 179 -3.26 -34.77 -0.77
C SER A 179 -3.77 -33.47 -0.11
N GLU A 180 -2.87 -32.77 0.61
CA GLU A 180 -3.14 -31.49 1.29
C GLU A 180 -2.90 -30.29 0.33
N VAL A 181 -2.50 -30.55 -0.94
CA VAL A 181 -2.14 -29.49 -1.88
C VAL A 181 -3.02 -29.40 -3.13
N VAL A 182 -3.43 -28.14 -3.47
CA VAL A 182 -4.10 -27.78 -4.73
C VAL A 182 -3.02 -27.14 -5.57
N PHE A 183 -2.93 -27.56 -6.81
CA PHE A 183 -1.93 -27.09 -7.75
C PHE A 183 -2.62 -26.58 -9.01
N LEU A 184 -2.43 -25.29 -9.31
CA LEU A 184 -3.06 -24.66 -10.47
C LEU A 184 -2.03 -24.36 -11.51
N ASP A 185 -2.24 -24.88 -12.72
CA ASP A 185 -1.33 -24.66 -13.86
C ASP A 185 -2.13 -24.54 -15.13
N ASP A 186 -1.59 -23.81 -16.13
CA ASP A 186 -2.24 -23.66 -17.42
C ASP A 186 -1.68 -24.68 -18.44
N ILE A 187 -0.60 -25.41 -18.06
CA ILE A 187 0.05 -26.41 -18.92
C ILE A 187 -0.24 -27.80 -18.39
N GLY A 188 -1.05 -28.54 -19.13
CA GLY A 188 -1.47 -29.91 -18.76
C GLY A 188 -0.35 -30.87 -18.45
N ALA A 189 0.73 -30.83 -19.24
CA ALA A 189 1.92 -31.68 -19.04
C ALA A 189 2.59 -31.39 -17.68
N ASN A 190 2.56 -30.10 -17.21
CA ASN A 190 3.16 -29.67 -15.94
C ASN A 190 2.29 -29.99 -14.73
N LEU A 191 1.01 -30.26 -14.99
CA LEU A 191 0.01 -30.62 -13.99
C LEU A 191 0.11 -32.12 -13.68
N LYS A 192 0.44 -32.94 -14.70
CA LYS A 192 0.54 -34.40 -14.59
C LYS A 192 1.39 -34.93 -13.41
N PRO A 193 2.67 -34.50 -13.17
CA PRO A 193 3.43 -35.08 -12.04
C PRO A 193 2.85 -34.78 -10.68
N ALA A 194 2.16 -33.63 -10.53
CA ALA A 194 1.52 -33.24 -9.29
C ALA A 194 0.34 -34.19 -9.02
N ARG A 195 -0.46 -34.48 -10.05
CA ARG A 195 -1.60 -35.40 -9.98
C ARG A 195 -1.10 -36.81 -9.64
N ASP A 196 -0.07 -37.28 -10.37
CA ASP A 196 0.60 -38.58 -10.16
C ASP A 196 1.04 -38.74 -8.69
N LEU A 197 1.41 -37.63 -8.02
CA LEU A 197 1.81 -37.59 -6.61
C LEU A 197 0.60 -37.59 -5.64
N GLY A 198 -0.60 -37.30 -6.17
CA GLY A 198 -1.83 -37.26 -5.39
C GLY A 198 -2.31 -35.88 -4.98
N MET A 199 -1.79 -34.83 -5.65
CA MET A 199 -2.23 -33.45 -5.37
C MET A 199 -3.51 -33.17 -6.13
N VAL A 200 -4.36 -32.27 -5.60
CA VAL A 200 -5.53 -31.81 -6.34
C VAL A 200 -4.98 -30.85 -7.40
N THR A 201 -5.39 -31.04 -8.64
CA THR A 201 -4.87 -30.23 -9.73
C THR A 201 -5.97 -29.53 -10.49
N ILE A 202 -5.69 -28.32 -10.96
CA ILE A 202 -6.65 -27.54 -11.74
C ILE A 202 -5.97 -27.05 -13.00
N LEU A 203 -6.56 -27.39 -14.16
CA LEU A 203 -6.08 -26.92 -15.45
C LEU A 203 -6.78 -25.61 -15.68
N VAL A 204 -5.99 -24.53 -15.71
CA VAL A 204 -6.46 -23.16 -15.86
C VAL A 204 -6.49 -22.78 -17.31
N GLN A 205 -7.69 -22.59 -17.87
CA GLN A 205 -7.84 -22.02 -19.20
C GLN A 205 -8.35 -20.62 -18.84
N ASP A 206 -9.66 -20.45 -18.65
CA ASP A 206 -10.20 -19.15 -18.22
C ASP A 206 -10.23 -19.14 -16.70
N THR A 207 -9.95 -17.98 -16.12
CA THR A 207 -9.90 -17.78 -14.68
C THR A 207 -11.19 -18.17 -13.96
N ASP A 208 -12.37 -17.68 -14.42
CA ASP A 208 -13.64 -17.98 -13.72
C ASP A 208 -13.87 -19.48 -13.48
N THR A 209 -13.66 -20.31 -14.51
CA THR A 209 -13.86 -21.77 -14.40
C THR A 209 -12.88 -22.37 -13.39
N ALA A 210 -11.60 -21.93 -13.46
CA ALA A 210 -10.53 -22.37 -12.58
C ALA A 210 -10.87 -22.05 -11.13
N LEU A 211 -11.40 -20.84 -10.87
CA LEU A 211 -11.79 -20.46 -9.51
C LEU A 211 -13.04 -21.18 -9.01
N LYS A 212 -13.95 -21.57 -9.92
CA LYS A 212 -15.15 -22.36 -9.57
C LYS A 212 -14.64 -23.70 -9.09
N GLU A 213 -13.68 -24.29 -9.84
CA GLU A 213 -13.04 -25.57 -9.47
C GLU A 213 -12.34 -25.41 -8.13
N LEU A 214 -11.63 -24.29 -7.97
CA LEU A 214 -10.88 -24.01 -6.74
C LEU A 214 -11.77 -23.82 -5.53
N GLU A 215 -12.91 -23.12 -5.67
CA GLU A 215 -13.78 -22.95 -4.51
C GLU A 215 -14.57 -24.23 -4.14
N LYS A 216 -14.90 -25.07 -5.15
CA LYS A 216 -15.56 -26.36 -4.93
C LYS A 216 -14.64 -27.30 -4.14
N VAL A 217 -13.37 -27.38 -4.53
CA VAL A 217 -12.45 -28.28 -3.85
C VAL A 217 -11.97 -27.81 -2.46
N THR A 218 -11.90 -26.47 -2.22
CA THR A 218 -11.45 -25.93 -0.94
C THR A 218 -12.59 -25.67 0.06
N GLY A 219 -13.79 -25.45 -0.46
CA GLY A 219 -14.95 -25.14 0.36
C GLY A 219 -14.95 -23.71 0.88
N ILE A 220 -14.12 -22.84 0.26
CA ILE A 220 -14.00 -21.41 0.61
C ILE A 220 -14.57 -20.60 -0.54
N GLN A 221 -15.42 -19.59 -0.25
CA GLN A 221 -15.96 -18.72 -1.30
C GLN A 221 -14.81 -17.86 -1.84
N LEU A 222 -14.57 -17.93 -3.16
CA LEU A 222 -13.50 -17.18 -3.83
C LEU A 222 -14.05 -16.33 -4.96
N LEU A 223 -15.18 -16.75 -5.52
CA LEU A 223 -15.82 -16.03 -6.61
C LEU A 223 -16.98 -15.24 -6.06
N ASN A 224 -17.29 -14.07 -6.67
CA ASN A 224 -18.44 -13.23 -6.29
C ASN A 224 -18.32 -12.67 -4.86
N THR A 225 -17.11 -12.61 -4.30
CA THR A 225 -16.89 -12.12 -2.93
C THR A 225 -17.07 -10.58 -2.78
N PRO A 226 -17.30 -10.06 -1.56
CA PRO A 226 -17.34 -8.58 -1.41
C PRO A 226 -15.98 -7.99 -1.78
N ALA A 227 -15.95 -6.71 -2.19
CA ALA A 227 -14.70 -6.04 -2.59
C ALA A 227 -13.66 -6.09 -1.45
N PRO A 228 -12.43 -6.61 -1.69
CA PRO A 228 -11.47 -6.72 -0.58
C PRO A 228 -10.88 -5.36 -0.18
N LEU A 229 -10.33 -5.27 1.03
CA LEU A 229 -9.69 -4.05 1.49
C LEU A 229 -8.30 -3.96 0.80
N PRO A 230 -7.68 -2.77 0.65
CA PRO A 230 -6.32 -2.72 0.10
C PRO A 230 -5.35 -3.48 1.03
N THR A 231 -4.15 -3.81 0.52
CA THR A 231 -3.11 -4.48 1.30
C THR A 231 -2.75 -3.58 2.50
N SER A 232 -2.55 -4.17 3.68
CA SER A 232 -2.21 -3.44 4.88
C SER A 232 -0.71 -3.63 5.16
N CYS A 233 -0.22 -3.19 6.33
CA CYS A 233 1.21 -3.34 6.69
C CYS A 233 1.35 -4.21 7.87
N ASN A 234 2.38 -5.06 7.87
CA ASN A 234 2.78 -5.84 9.03
C ASN A 234 3.96 -5.05 9.61
N PRO A 235 3.81 -4.39 10.80
CA PRO A 235 4.92 -3.55 11.34
C PRO A 235 6.30 -4.17 11.34
N SER A 236 6.39 -5.46 11.63
CA SER A 236 7.68 -6.19 11.69
C SER A 236 8.33 -6.42 10.33
N ASP A 237 7.57 -6.29 9.23
CA ASP A 237 8.08 -6.46 7.86
C ASP A 237 8.44 -5.12 7.18
N MET A 238 8.34 -4.01 7.91
CA MET A 238 8.61 -2.69 7.32
C MET A 238 10.07 -2.27 7.53
N SER A 239 10.55 -1.35 6.67
CA SER A 239 11.85 -0.74 6.90
C SER A 239 11.55 0.43 7.87
N HIS A 240 12.24 0.48 9.02
CA HIS A 240 12.03 1.52 10.03
C HIS A 240 13.23 2.47 10.03
N GLY A 241 12.94 3.77 9.86
CA GLY A 241 13.95 4.83 9.82
C GLY A 241 13.90 5.75 11.02
N TYR A 242 15.08 6.30 11.40
CA TYR A 242 15.23 7.15 12.59
C TYR A 242 16.19 8.27 12.28
N VAL A 243 15.74 9.53 12.50
CA VAL A 243 16.51 10.75 12.24
C VAL A 243 16.48 11.63 13.48
N THR A 244 17.66 12.04 13.95
CA THR A 244 17.75 12.99 15.07
C THR A 244 17.65 14.39 14.44
N VAL A 245 16.61 15.13 14.80
CA VAL A 245 16.37 16.47 14.27
C VAL A 245 16.96 17.57 15.15
N LYS A 246 17.20 17.25 16.42
CA LYS A 246 17.83 18.14 17.41
C LYS A 246 18.25 17.27 18.63
N PRO A 247 19.18 17.71 19.53
CA PRO A 247 19.65 16.84 20.61
C PRO A 247 18.67 15.90 21.32
N ARG A 248 17.52 16.39 21.75
CA ARG A 248 16.59 15.50 22.47
C ARG A 248 15.45 14.97 21.60
N VAL A 249 15.50 15.21 20.25
CA VAL A 249 14.37 14.81 19.41
C VAL A 249 14.78 13.94 18.25
N ARG A 250 14.21 12.73 18.19
CA ARG A 250 14.40 11.81 17.08
C ARG A 250 13.01 11.58 16.44
N LEU A 251 12.97 11.48 15.10
CA LEU A 251 11.70 11.17 14.42
C LEU A 251 11.80 9.80 13.78
N HIS A 252 10.77 8.96 14.03
CA HIS A 252 10.71 7.63 13.46
C HIS A 252 9.76 7.67 12.26
N PHE A 253 10.05 6.83 11.26
CA PHE A 253 9.19 6.71 10.10
C PHE A 253 9.33 5.31 9.53
N VAL A 254 8.30 4.91 8.77
CA VAL A 254 8.31 3.66 8.03
C VAL A 254 8.47 4.10 6.55
N GLU A 255 9.26 3.35 5.80
CA GLU A 255 9.61 3.69 4.43
C GLU A 255 9.38 2.57 3.45
N LEU A 256 8.69 2.88 2.35
CA LEU A 256 8.42 1.83 1.34
C LEU A 256 8.28 2.46 -0.04
N GLY A 257 8.92 1.84 -1.02
CA GLY A 257 8.81 2.25 -2.41
C GLY A 257 9.94 3.14 -2.93
N SER A 258 9.91 3.39 -4.23
CA SER A 258 10.87 4.26 -4.92
C SER A 258 10.06 5.27 -5.72
N GLY A 259 10.66 6.41 -5.96
CA GLY A 259 10.02 7.47 -6.72
C GLY A 259 9.98 8.75 -5.92
N PRO A 260 9.17 9.72 -6.32
CA PRO A 260 9.10 10.99 -5.58
C PRO A 260 8.71 10.74 -4.11
N ALA A 261 9.37 11.41 -3.16
CA ALA A 261 9.10 11.24 -1.72
C ALA A 261 7.71 11.78 -1.37
N VAL A 262 6.96 10.99 -0.62
CA VAL A 262 5.60 11.32 -0.16
C VAL A 262 5.62 11.12 1.34
N CYS A 263 5.52 12.24 2.06
CA CYS A 263 5.56 12.23 3.52
C CYS A 263 4.15 12.26 4.14
N LEU A 264 3.76 11.16 4.80
CA LEU A 264 2.41 11.03 5.39
C LEU A 264 2.47 11.43 6.86
N CYS A 265 1.58 12.35 7.25
CA CYS A 265 1.53 12.99 8.59
C CYS A 265 0.19 12.72 9.25
N HIS A 266 0.16 11.82 10.23
CA HIS A 266 -1.07 11.40 10.92
C HIS A 266 -1.61 12.48 11.89
N GLY A 267 -2.81 12.23 12.42
CA GLY A 267 -3.43 13.16 13.34
C GLY A 267 -3.47 12.63 14.76
N PHE A 268 -4.41 13.13 15.53
CA PHE A 268 -4.53 12.80 16.93
C PHE A 268 -5.63 11.77 17.20
N PRO A 269 -5.39 10.76 18.06
CA PRO A 269 -4.13 10.34 18.71
C PRO A 269 -3.70 9.10 17.91
N GLU A 270 -2.94 9.33 16.84
CA GLU A 270 -2.66 8.23 15.94
C GLU A 270 -1.22 7.70 15.83
N SER A 271 -0.80 7.27 14.63
CA SER A 271 0.47 6.57 14.41
C SER A 271 0.78 6.57 12.93
N TRP A 272 2.03 6.22 12.58
CA TRP A 272 2.37 5.94 11.18
C TRP A 272 1.38 4.87 10.62
N TYR A 273 0.97 3.93 11.51
CA TYR A 273 0.11 2.78 11.23
C TYR A 273 -1.29 3.16 10.81
N SER A 274 -1.73 4.40 11.10
CA SER A 274 -3.01 4.86 10.59
C SER A 274 -3.00 4.95 9.05
N TRP A 275 -1.80 4.95 8.41
CA TRP A 275 -1.68 4.98 6.95
C TRP A 275 -1.44 3.56 6.39
N ARG A 276 -1.65 2.52 7.22
CA ARG A 276 -1.34 1.13 6.80
C ARG A 276 -1.93 0.72 5.45
N TYR A 277 -3.15 1.19 5.10
CA TYR A 277 -3.80 0.84 3.83
C TYR A 277 -3.27 1.69 2.67
N GLN A 278 -2.63 2.84 2.97
CA GLN A 278 -2.12 3.73 1.93
C GLN A 278 -0.69 3.37 1.54
N ILE A 279 0.15 3.00 2.51
CA ILE A 279 1.59 2.76 2.28
C ILE A 279 1.87 1.78 1.12
N PRO A 280 1.34 0.52 1.13
CA PRO A 280 1.61 -0.38 -0.02
C PRO A 280 1.05 0.16 -1.34
N ALA A 281 -0.18 0.76 -1.33
CA ALA A 281 -0.81 1.28 -2.56
C ALA A 281 0.01 2.42 -3.15
N LEU A 282 0.41 3.43 -2.34
CA LEU A 282 1.19 4.55 -2.87
C LEU A 282 2.57 4.08 -3.39
N ALA A 283 3.22 3.15 -2.67
CA ALA A 283 4.52 2.59 -3.11
C ALA A 283 4.34 1.87 -4.46
N GLN A 284 3.29 1.02 -4.57
CA GLN A 284 3.01 0.31 -5.84
C GLN A 284 2.70 1.29 -6.99
N ALA A 285 2.11 2.46 -6.66
CA ALA A 285 1.81 3.51 -7.66
C ALA A 285 3.03 4.27 -8.14
N GLY A 286 4.20 4.02 -7.55
CA GLY A 286 5.46 4.60 -8.01
C GLY A 286 6.00 5.74 -7.17
N TYR A 287 5.72 5.68 -5.84
CA TYR A 287 6.16 6.68 -4.88
C TYR A 287 6.97 6.09 -3.74
N ARG A 288 7.87 6.91 -3.19
CA ARG A 288 8.67 6.56 -2.03
C ARG A 288 7.91 7.13 -0.84
N VAL A 289 7.29 6.24 -0.08
CA VAL A 289 6.46 6.64 1.05
C VAL A 289 7.26 6.75 2.34
N LEU A 290 7.11 7.86 3.04
CA LEU A 290 7.71 8.06 4.36
C LEU A 290 6.54 8.30 5.33
N ALA A 291 6.13 7.25 6.05
CA ALA A 291 4.99 7.39 7.00
C ALA A 291 5.52 7.71 8.39
N MET A 292 5.32 8.94 8.85
CA MET A 292 5.86 9.39 10.13
C MET A 292 5.14 8.90 11.35
N ASP A 293 5.88 8.82 12.47
CA ASP A 293 5.36 8.84 13.82
C ASP A 293 5.62 10.32 14.08
N MET A 294 4.56 11.13 14.24
CA MET A 294 4.74 12.57 14.47
C MET A 294 5.35 12.79 15.86
N LYS A 295 5.96 13.95 16.10
CA LYS A 295 6.56 14.24 17.42
C LYS A 295 5.50 14.02 18.51
N GLY A 296 5.89 13.29 19.53
CA GLY A 296 5.04 12.93 20.65
C GLY A 296 4.45 11.54 20.55
N TYR A 297 4.69 10.83 19.43
CA TYR A 297 4.08 9.54 19.16
C TYR A 297 5.02 8.41 18.87
N GLY A 298 4.55 7.21 19.20
CA GLY A 298 5.18 5.94 18.88
C GLY A 298 6.66 5.88 19.22
N GLU A 299 7.50 5.69 18.19
CA GLU A 299 8.97 5.62 18.34
C GLU A 299 9.67 6.95 18.21
N SER A 300 8.90 8.03 17.98
CA SER A 300 9.46 9.38 17.90
C SER A 300 9.56 9.88 19.30
N SER A 301 10.43 10.85 19.54
CA SER A 301 10.63 11.45 20.86
C SER A 301 9.37 12.18 21.30
N ALA A 302 9.13 12.19 22.62
CA ALA A 302 7.98 12.88 23.19
C ALA A 302 8.43 13.77 24.34
N PRO A 303 9.06 14.94 24.10
CA PRO A 303 9.43 15.83 25.24
C PRO A 303 8.17 16.34 25.95
N PRO A 304 8.24 16.64 27.27
CA PRO A 304 7.01 17.02 27.98
C PRO A 304 6.53 18.43 27.80
N GLU A 305 7.42 19.37 27.40
CA GLU A 305 7.11 20.81 27.32
C GLU A 305 6.08 21.11 26.25
N ILE A 306 5.07 21.91 26.61
CA ILE A 306 3.99 22.31 25.70
C ILE A 306 4.52 22.94 24.40
N GLU A 307 5.44 23.90 24.52
CA GLU A 307 6.01 24.69 23.44
C GLU A 307 6.83 23.89 22.42
N GLU A 308 7.19 22.63 22.75
CA GLU A 308 7.87 21.73 21.84
C GLU A 308 6.90 21.29 20.73
N TYR A 309 5.59 21.58 20.92
CA TYR A 309 4.57 21.11 20.01
C TYR A 309 3.83 22.25 19.29
N CYS A 310 4.39 23.46 19.31
CA CYS A 310 3.76 24.53 18.53
C CYS A 310 4.10 24.26 17.04
N MET A 311 3.23 24.74 16.12
CA MET A 311 3.39 24.53 14.68
C MET A 311 4.73 25.00 14.14
N GLU A 312 5.25 26.16 14.64
CA GLU A 312 6.53 26.69 14.16
C GLU A 312 7.67 25.70 14.44
N VAL A 313 7.70 25.12 15.65
CA VAL A 313 8.73 24.13 15.97
C VAL A 313 8.54 22.81 15.23
N LEU A 314 7.30 22.31 15.16
CA LEU A 314 7.01 21.05 14.44
C LEU A 314 7.40 21.17 12.95
N CYS A 315 7.08 22.32 12.34
CA CYS A 315 7.40 22.54 10.93
C CYS A 315 8.91 22.63 10.70
N LYS A 316 9.63 23.37 11.56
CA LYS A 316 11.11 23.49 11.52
C LYS A 316 11.76 22.12 11.63
N GLU A 317 11.23 21.26 12.53
CA GLU A 317 11.74 19.91 12.68
C GLU A 317 11.49 19.06 11.43
N MET A 318 10.33 19.24 10.76
CA MET A 318 10.03 18.45 9.55
C MET A 318 10.97 18.91 8.42
N VAL A 319 11.33 20.20 8.39
CA VAL A 319 12.31 20.72 7.40
C VAL A 319 13.69 20.07 7.68
N THR A 320 14.11 20.00 8.97
CA THR A 320 15.39 19.39 9.36
C THR A 320 15.40 17.90 8.98
N PHE A 321 14.23 17.23 9.16
CA PHE A 321 14.05 15.82 8.79
C PHE A 321 14.40 15.62 7.29
N LEU A 322 13.82 16.48 6.41
CA LEU A 322 14.13 16.47 4.99
C LEU A 322 15.63 16.73 4.77
N ASP A 323 16.18 17.73 5.43
CA ASP A 323 17.63 18.09 5.32
C ASP A 323 18.52 16.88 5.61
N LYS A 324 18.27 16.18 6.75
CA LYS A 324 19.06 15.04 7.18
C LYS A 324 18.93 13.81 6.28
N LEU A 325 17.77 13.65 5.62
CA LEU A 325 17.56 12.56 4.66
C LEU A 325 18.09 12.91 3.28
N GLY A 326 18.52 14.15 3.08
CA GLY A 326 19.02 14.66 1.80
C GLY A 326 17.91 14.83 0.78
N LEU A 327 16.70 15.22 1.24
CA LEU A 327 15.56 15.42 0.32
C LEU A 327 15.30 16.91 0.16
N SER A 328 15.36 17.43 -1.08
CA SER A 328 15.10 18.87 -1.29
C SER A 328 13.61 19.14 -1.15
N GLN A 329 12.77 18.14 -1.44
CA GLN A 329 11.32 18.25 -1.31
C GLN A 329 10.68 16.93 -0.96
N ALA A 330 9.42 17.00 -0.53
CA ALA A 330 8.54 15.84 -0.40
C ALA A 330 7.15 16.34 -0.66
N VAL A 331 6.28 15.47 -1.16
CA VAL A 331 4.86 15.82 -1.16
C VAL A 331 4.34 15.57 0.27
N PHE A 332 3.61 16.53 0.83
CA PHE A 332 3.15 16.35 2.20
C PHE A 332 1.66 16.06 2.23
N ILE A 333 1.29 14.95 2.82
CA ILE A 333 -0.10 14.54 2.95
C ILE A 333 -0.40 14.38 4.43
N GLY A 334 -1.39 15.12 4.91
CA GLY A 334 -1.73 15.08 6.33
C GLY A 334 -3.19 14.79 6.62
N HIS A 335 -3.50 14.34 7.86
CA HIS A 335 -4.89 14.08 8.30
C HIS A 335 -5.02 14.67 9.72
N ASP A 336 -6.15 15.35 10.01
CA ASP A 336 -6.45 15.93 11.33
C ASP A 336 -5.29 16.91 11.70
N TRP A 337 -4.59 16.73 12.85
CA TRP A 337 -3.46 17.63 13.17
C TRP A 337 -2.35 17.61 12.10
N GLY A 338 -2.13 16.44 11.49
CA GLY A 338 -1.18 16.32 10.39
C GLY A 338 -1.57 17.18 9.20
N GLY A 339 -2.88 17.29 8.94
CA GLY A 339 -3.43 18.12 7.86
C GLY A 339 -3.20 19.58 8.13
N MET A 340 -3.33 20.01 9.42
CA MET A 340 -3.03 21.39 9.77
C MET A 340 -1.53 21.63 9.54
N LEU A 341 -0.68 20.68 9.97
CA LEU A 341 0.77 20.88 9.78
C LEU A 341 1.15 21.07 8.30
N VAL A 342 0.60 20.23 7.42
CA VAL A 342 0.91 20.27 5.97
C VAL A 342 0.51 21.59 5.32
N TRP A 343 -0.62 22.21 5.74
CA TRP A 343 -0.97 23.55 5.21
C TRP A 343 0.07 24.56 5.65
N TYR A 344 0.55 24.46 6.91
CA TYR A 344 1.58 25.37 7.41
C TYR A 344 2.94 25.16 6.73
N MET A 345 3.26 23.89 6.39
CA MET A 345 4.46 23.58 5.60
C MET A 345 4.36 24.27 4.22
N ALA A 346 3.19 24.20 3.59
CA ALA A 346 2.95 24.84 2.30
C ALA A 346 3.10 26.37 2.38
N LEU A 347 2.65 27.00 3.49
CA LEU A 347 2.70 28.46 3.68
C LEU A 347 4.06 29.04 4.03
N PHE A 348 4.81 28.29 4.84
CA PHE A 348 6.10 28.72 5.35
C PHE A 348 7.30 28.14 4.65
N TYR A 349 7.17 26.94 4.05
CA TYR A 349 8.30 26.29 3.38
C TYR A 349 7.86 25.76 1.98
N PRO A 350 7.26 26.61 1.10
CA PRO A 350 6.83 26.12 -0.22
C PRO A 350 7.93 25.49 -1.08
N GLU A 351 9.18 25.95 -0.92
CA GLU A 351 10.30 25.38 -1.69
C GLU A 351 10.59 23.90 -1.34
N ARG A 352 10.17 23.47 -0.15
CA ARG A 352 10.38 22.10 0.33
C ARG A 352 9.19 21.21 0.11
N VAL A 353 8.08 21.79 -0.32
CA VAL A 353 6.84 21.06 -0.47
C VAL A 353 6.54 20.90 -1.95
N ARG A 354 6.66 19.67 -2.43
CA ARG A 354 6.43 19.34 -3.84
C ARG A 354 4.93 19.57 -4.18
N ALA A 355 4.02 19.19 -3.26
CA ALA A 355 2.58 19.34 -3.38
C ALA A 355 2.02 19.08 -1.98
N VAL A 356 0.81 19.55 -1.72
CA VAL A 356 0.21 19.37 -0.38
C VAL A 356 -1.19 18.80 -0.45
N ALA A 357 -1.51 17.82 0.40
CA ALA A 357 -2.88 17.33 0.44
C ALA A 357 -3.32 17.17 1.89
N SER A 358 -4.59 17.50 2.18
CA SER A 358 -5.15 17.30 3.49
C SER A 358 -6.42 16.48 3.45
N LEU A 359 -6.52 15.53 4.39
CA LEU A 359 -7.73 14.77 4.62
C LEU A 359 -8.45 15.42 5.79
N ASN A 360 -9.70 15.85 5.55
CA ASN A 360 -10.62 16.42 6.54
C ASN A 360 -10.29 17.81 7.02
N THR A 361 -9.01 18.09 7.38
CA THR A 361 -8.60 19.37 7.95
C THR A 361 -8.62 20.46 6.90
N PRO A 362 -9.52 21.46 7.03
CA PRO A 362 -9.53 22.54 6.05
C PRO A 362 -8.45 23.57 6.36
N PHE A 363 -8.16 24.44 5.38
CA PHE A 363 -7.25 25.53 5.62
C PHE A 363 -8.13 26.75 5.94
N ILE A 364 -8.08 27.22 7.18
CA ILE A 364 -8.81 28.40 7.62
C ILE A 364 -7.76 29.38 8.13
N PRO A 365 -7.61 30.54 7.50
CA PRO A 365 -6.59 31.51 7.95
C PRO A 365 -6.88 32.03 9.34
N ALA A 366 -5.84 32.42 10.06
CA ALA A 366 -5.99 32.96 11.41
C ALA A 366 -6.83 34.23 11.34
N ASN A 367 -7.69 34.45 12.35
CA ASN A 367 -8.47 35.68 12.42
C ASN A 367 -7.65 36.65 13.29
N PRO A 368 -7.06 37.72 12.74
CA PRO A 368 -6.22 38.60 13.56
C PRO A 368 -7.00 39.47 14.55
N ASN A 369 -8.35 39.50 14.42
CA ASN A 369 -9.25 40.31 15.24
C ASN A 369 -10.03 39.51 16.29
N MET A 370 -9.61 38.26 16.53
CA MET A 370 -10.26 37.39 17.52
C MET A 370 -9.21 36.45 18.11
N SER A 371 -9.28 36.23 19.43
CA SER A 371 -8.37 35.33 20.13
C SER A 371 -8.67 33.91 19.66
N PRO A 372 -7.64 33.04 19.47
CA PRO A 372 -7.93 31.66 19.06
C PRO A 372 -8.87 30.93 20.04
N LEU A 373 -8.79 31.27 21.36
CA LEU A 373 -9.65 30.74 22.42
C LEU A 373 -11.13 31.08 22.14
N GLU A 374 -11.42 32.35 21.78
CA GLU A 374 -12.75 32.87 21.42
C GLU A 374 -13.28 32.09 20.21
N SER A 375 -12.41 31.93 19.18
CA SER A 375 -12.70 31.23 17.93
C SER A 375 -13.12 29.78 18.17
N ILE A 376 -12.43 29.05 19.07
CA ILE A 376 -12.77 27.67 19.43
C ILE A 376 -14.11 27.62 20.18
N LYS A 377 -14.35 28.60 21.07
CA LYS A 377 -15.58 28.74 21.84
C LYS A 377 -16.82 28.96 20.96
N ALA A 378 -16.65 29.64 19.80
CA ALA A 378 -17.72 29.96 18.84
C ALA A 378 -18.36 28.73 18.17
N ASN A 379 -17.64 27.60 18.09
CA ASN A 379 -18.15 26.37 17.47
C ASN A 379 -18.34 25.23 18.50
N PRO A 380 -19.62 24.85 18.80
CA PRO A 380 -19.87 23.76 19.78
C PRO A 380 -19.13 22.44 19.59
N VAL A 381 -18.87 22.04 18.32
CA VAL A 381 -18.17 20.77 18.03
C VAL A 381 -16.68 20.79 18.40
N PHE A 382 -16.13 21.99 18.72
CA PHE A 382 -14.73 22.16 19.13
C PHE A 382 -14.55 22.10 20.65
N ASP A 383 -15.63 21.78 21.40
CA ASP A 383 -15.57 21.69 22.87
C ASP A 383 -14.51 20.72 23.37
N TYR A 384 -14.31 19.58 22.67
CA TYR A 384 -13.27 18.63 23.08
C TYR A 384 -11.87 19.32 23.15
N GLN A 385 -11.62 20.34 22.29
CA GLN A 385 -10.34 21.06 22.30
C GLN A 385 -10.15 21.86 23.59
N LEU A 386 -11.26 22.37 24.18
CA LEU A 386 -11.21 23.10 25.46
C LEU A 386 -10.92 22.12 26.60
N TYR A 387 -11.53 20.93 26.56
CA TYR A 387 -11.30 19.85 27.53
C TYR A 387 -9.82 19.42 27.49
N PHE A 388 -9.21 19.47 26.29
CA PHE A 388 -7.80 19.10 26.14
C PHE A 388 -6.82 20.15 26.66
N GLN A 389 -7.27 21.37 27.00
CA GLN A 389 -6.38 22.46 27.44
C GLN A 389 -5.66 22.26 28.76
N GLU A 390 -6.39 21.85 29.81
CA GLU A 390 -5.82 21.69 31.16
C GLU A 390 -4.84 20.54 31.26
N PRO A 391 -3.53 20.80 31.44
CA PRO A 391 -2.57 19.69 31.52
C PRO A 391 -2.92 18.65 32.58
N GLY A 392 -2.99 17.38 32.17
CA GLY A 392 -3.25 16.26 33.07
C GLY A 392 -4.64 15.68 33.06
N VAL A 393 -5.67 16.51 32.79
CA VAL A 393 -7.08 16.05 32.78
C VAL A 393 -7.34 15.03 31.68
N ALA A 394 -7.13 15.42 30.41
CA ALA A 394 -7.36 14.44 29.34
C ALA A 394 -6.35 13.30 29.38
N GLU A 395 -5.06 13.56 29.81
CA GLU A 395 -4.07 12.46 29.91
C GLU A 395 -4.62 11.35 30.79
N ALA A 396 -5.13 11.72 31.98
CA ALA A 396 -5.67 10.77 32.97
C ALA A 396 -6.77 9.91 32.39
N GLU A 397 -7.73 10.53 31.70
CA GLU A 397 -8.84 9.78 31.12
C GLU A 397 -8.37 8.91 29.94
N LEU A 398 -7.51 9.45 29.06
CA LEU A 398 -7.05 8.69 27.88
C LEU A 398 -6.08 7.55 28.21
N GLU A 399 -5.26 7.72 29.25
CA GLU A 399 -4.26 6.69 29.68
C GLU A 399 -4.81 5.65 30.66
N GLN A 400 -6.01 5.89 31.21
CA GLN A 400 -6.58 4.99 32.20
C GLN A 400 -6.76 3.54 31.70
N ASN A 401 -7.25 3.38 30.48
CA ASN A 401 -7.47 2.09 29.88
C ASN A 401 -7.27 2.29 28.37
N LEU A 402 -6.07 1.97 27.86
CA LEU A 402 -5.72 2.18 26.45
C LEU A 402 -6.63 1.49 25.45
N SER A 403 -6.95 0.21 25.70
CA SER A 403 -7.83 -0.56 24.83
C SER A 403 -9.18 0.14 24.73
N ARG A 404 -9.76 0.59 25.87
CA ARG A 404 -11.02 1.31 25.86
C ARG A 404 -10.88 2.65 25.09
N THR A 405 -9.78 3.37 25.31
CA THR A 405 -9.54 4.64 24.57
C THR A 405 -9.65 4.44 23.06
N PHE A 406 -8.82 3.53 22.47
CA PHE A 406 -8.79 3.31 21.02
C PHE A 406 -10.06 2.70 20.47
N LYS A 407 -10.68 1.77 21.19
CA LYS A 407 -11.97 1.20 20.74
C LYS A 407 -13.12 2.23 20.75
N SER A 408 -13.10 3.17 21.71
CA SER A 408 -14.13 4.22 21.77
C SER A 408 -13.91 5.25 20.66
N LEU A 409 -12.64 5.61 20.38
CA LEU A 409 -12.29 6.59 19.35
C LEU A 409 -12.48 6.11 17.92
N PHE A 410 -11.82 4.99 17.58
CA PHE A 410 -11.80 4.42 16.23
C PHE A 410 -13.06 3.69 15.86
N ARG A 411 -14.10 4.44 15.45
CA ARG A 411 -15.41 3.90 15.07
C ARG A 411 -15.91 4.61 13.83
N ALA A 412 -16.68 3.89 12.99
CA ALA A 412 -17.32 4.40 11.78
C ALA A 412 -18.48 5.31 12.21
N SER A 413 -18.95 6.17 11.30
CA SER A 413 -20.00 7.17 11.54
C SER A 413 -21.29 6.63 12.20
N ASP A 414 -21.65 5.38 11.86
CA ASP A 414 -22.83 4.66 12.37
C ASP A 414 -22.54 3.80 13.62
N GLU A 415 -21.39 4.03 14.30
CA GLU A 415 -20.99 3.24 15.48
C GLU A 415 -20.63 4.09 16.70
N SER A 416 -20.34 5.39 16.51
CA SER A 416 -19.87 6.27 17.58
C SER A 416 -20.76 6.38 18.81
N VAL A 417 -20.10 6.64 19.95
CA VAL A 417 -20.69 6.84 21.28
C VAL A 417 -20.14 8.17 21.86
N LEU A 418 -19.22 8.81 21.11
CA LEU A 418 -18.58 10.05 21.50
C LEU A 418 -19.19 11.27 20.81
N SER A 419 -19.74 12.18 21.62
CA SER A 419 -20.33 13.45 21.19
C SER A 419 -19.37 14.55 21.62
N MET A 420 -18.51 15.01 20.69
CA MET A 420 -17.49 16.01 20.95
C MET A 420 -17.91 17.45 21.33
N HIS A 421 -19.22 17.63 21.53
CA HIS A 421 -19.86 18.85 22.02
C HIS A 421 -20.32 18.54 23.44
N LYS A 422 -20.10 19.47 24.38
CA LYS A 422 -20.41 19.33 25.80
C LYS A 422 -19.57 18.25 26.52
N VAL A 423 -18.26 18.19 26.19
CA VAL A 423 -17.27 17.28 26.78
C VAL A 423 -16.85 17.81 28.16
N CYS A 424 -16.57 19.12 28.25
CA CYS A 424 -16.19 19.79 29.51
C CYS A 424 -17.33 19.64 30.54
N GLU A 425 -18.59 19.90 30.11
CA GLU A 425 -19.82 19.81 30.93
C GLU A 425 -20.00 18.40 31.46
N ALA A 426 -19.81 17.40 30.59
CA ALA A 426 -19.91 15.97 30.91
C ALA A 426 -18.76 15.54 31.83
N GLY A 427 -17.63 16.25 31.74
CA GLY A 427 -16.43 15.96 32.53
C GLY A 427 -15.52 14.91 31.94
N GLY A 428 -15.64 14.68 30.63
CA GLY A 428 -14.79 13.71 29.94
C GLY A 428 -15.28 13.25 28.59
N LEU A 429 -14.36 12.73 27.78
CA LEU A 429 -14.65 12.21 26.45
C LEU A 429 -15.46 10.91 26.48
N PHE A 430 -15.20 10.04 27.48
CA PHE A 430 -15.82 8.70 27.58
C PHE A 430 -16.81 8.49 28.75
N VAL A 431 -17.29 9.58 29.36
CA VAL A 431 -18.22 9.48 30.51
C VAL A 431 -19.58 8.82 30.22
N ASN A 432 -19.97 8.72 28.93
CA ASN A 432 -21.20 8.04 28.49
C ASN A 432 -20.86 6.92 27.47
N SER A 433 -19.60 6.44 27.52
CA SER A 433 -19.06 5.37 26.68
C SER A 433 -18.91 4.09 27.54
N PRO A 434 -19.09 2.88 26.96
CA PRO A 434 -18.98 1.65 27.78
C PRO A 434 -17.56 1.38 28.26
N GLU A 435 -17.42 0.54 29.31
CA GLU A 435 -16.10 0.16 29.85
C GLU A 435 -15.39 -0.75 28.88
N GLU A 436 -16.18 -1.63 28.23
CA GLU A 436 -15.69 -2.58 27.25
C GLU A 436 -16.40 -2.32 25.93
N PRO A 437 -15.94 -1.31 25.15
CA PRO A 437 -16.57 -1.05 23.85
C PRO A 437 -16.47 -2.24 22.90
N SER A 438 -17.45 -2.35 22.01
CA SER A 438 -17.46 -3.37 20.97
C SER A 438 -16.39 -2.94 19.96
N LEU A 439 -15.87 -3.88 19.19
CA LEU A 439 -14.87 -3.62 18.19
C LEU A 439 -15.56 -3.09 16.93
N SER A 440 -15.12 -1.92 16.45
CA SER A 440 -15.64 -1.30 15.23
C SER A 440 -15.34 -2.23 14.04
N ARG A 441 -16.18 -2.18 12.99
CA ARG A 441 -15.92 -2.97 11.76
C ARG A 441 -14.66 -2.47 11.02
N MET A 442 -14.18 -1.27 11.35
CA MET A 442 -12.99 -0.68 10.72
C MET A 442 -11.69 -1.30 11.20
N VAL A 443 -11.68 -1.86 12.43
CA VAL A 443 -10.47 -2.37 13.07
C VAL A 443 -10.58 -3.81 13.58
N THR A 444 -9.43 -4.48 13.70
CA THR A 444 -9.32 -5.81 14.29
C THR A 444 -8.81 -5.59 15.71
N GLU A 445 -8.90 -6.63 16.58
CA GLU A 445 -8.40 -6.59 17.94
C GLU A 445 -6.89 -6.37 17.92
N GLU A 446 -6.21 -7.02 16.95
CA GLU A 446 -4.76 -6.95 16.75
C GLU A 446 -4.30 -5.52 16.42
N GLU A 447 -5.03 -4.83 15.54
CA GLU A 447 -4.75 -3.44 15.16
C GLU A 447 -4.94 -2.53 16.36
N ILE A 448 -6.03 -2.72 17.14
CA ILE A 448 -6.23 -1.97 18.39
C ILE A 448 -5.01 -2.20 19.30
N GLN A 449 -4.57 -3.46 19.49
CA GLN A 449 -3.44 -3.75 20.38
C GLN A 449 -2.12 -3.12 19.93
N PHE A 450 -1.95 -2.91 18.63
CA PHE A 450 -0.76 -2.20 18.11
C PHE A 450 -0.78 -0.77 18.66
N TYR A 451 -1.91 -0.04 18.53
CA TYR A 451 -2.03 1.32 19.09
C TYR A 451 -1.81 1.31 20.59
N VAL A 452 -2.43 0.33 21.31
CA VAL A 452 -2.24 0.22 22.77
C VAL A 452 -0.72 0.12 23.06
N GLN A 453 0.01 -0.77 22.37
CA GLN A 453 1.44 -0.95 22.64
C GLN A 453 2.25 0.30 22.33
N GLN A 454 1.91 1.00 21.25
CA GLN A 454 2.62 2.24 20.88
C GLN A 454 2.46 3.32 21.94
N PHE A 455 1.25 3.49 22.47
CA PHE A 455 0.95 4.50 23.47
C PHE A 455 1.45 4.18 24.87
N LYS A 456 1.90 2.95 25.11
CA LYS A 456 2.46 2.59 26.42
C LYS A 456 3.77 3.29 26.67
N LYS A 457 4.51 3.65 25.60
CA LYS A 457 5.79 4.32 25.75
C LYS A 457 5.69 5.74 26.33
N SER A 458 4.88 6.61 25.69
CA SER A 458 4.85 8.02 26.06
C SER A 458 3.50 8.56 26.52
N GLY A 459 2.44 7.78 26.29
CA GLY A 459 1.10 8.19 26.67
C GLY A 459 0.61 9.36 25.83
N PHE A 460 -0.23 10.20 26.44
CA PHE A 460 -0.91 11.29 25.75
C PHE A 460 -0.44 12.71 25.95
N ARG A 461 0.58 12.97 26.78
CA ARG A 461 1.08 14.33 27.03
C ARG A 461 1.53 15.05 25.75
N GLY A 462 2.50 14.44 25.04
CA GLY A 462 3.01 14.97 23.77
C GLY A 462 1.89 15.16 22.77
N PRO A 463 1.11 14.09 22.49
CA PRO A 463 -0.07 14.23 21.58
C PRO A 463 -1.05 15.35 21.97
N LEU A 464 -1.43 15.43 23.27
CA LEU A 464 -2.35 16.51 23.70
C LEU A 464 -1.72 17.87 23.61
N ASN A 465 -0.39 17.95 23.75
CA ASN A 465 0.32 19.22 23.61
C ASN A 465 0.15 19.91 22.24
N TRP A 466 -0.18 19.13 21.18
CA TRP A 466 -0.47 19.70 19.86
C TRP A 466 -1.61 20.73 19.93
N TYR A 467 -2.58 20.51 20.86
CA TYR A 467 -3.74 21.39 21.06
C TYR A 467 -3.49 22.55 22.00
N ARG A 468 -2.36 22.54 22.68
CA ARG A 468 -2.01 23.48 23.74
C ARG A 468 -1.14 24.66 23.33
N ASN A 469 -1.10 24.94 22.04
CA ASN A 469 -0.30 26.06 21.50
C ASN A 469 -1.13 27.04 20.69
N MET A 470 -2.43 27.19 21.00
CA MET A 470 -3.37 28.05 20.26
C MET A 470 -2.88 29.48 20.03
N GLU A 471 -2.45 30.18 21.10
CA GLU A 471 -1.96 31.56 21.03
C GLU A 471 -0.66 31.65 20.20
N ARG A 472 0.30 30.74 20.47
CA ARG A 472 1.59 30.68 19.79
C ARG A 472 1.37 30.43 18.28
N ASN A 473 0.50 29.46 17.95
CA ASN A 473 0.16 29.12 16.56
C ASN A 473 -0.53 30.27 15.87
N TRP A 474 -1.44 30.97 16.58
CA TRP A 474 -2.19 32.11 16.05
C TRP A 474 -1.25 33.26 15.66
N LYS A 475 -0.31 33.63 16.55
CA LYS A 475 0.69 34.67 16.30
C LYS A 475 1.55 34.35 15.07
N TRP A 476 2.00 33.08 14.97
CA TRP A 476 2.80 32.63 13.84
C TRP A 476 1.97 32.64 12.55
N ALA A 477 0.75 32.08 12.57
CA ALA A 477 -0.13 32.06 11.40
C ALA A 477 -0.47 33.46 10.87
N CYS A 478 -0.59 34.46 11.79
CA CYS A 478 -0.89 35.85 11.40
C CYS A 478 0.18 36.45 10.47
N LYS A 479 1.44 35.96 10.60
CA LYS A 479 2.54 36.38 9.73
C LYS A 479 2.31 35.96 8.27
N SER A 480 1.46 34.95 8.02
CA SER A 480 1.20 34.43 6.69
C SER A 480 -0.08 34.98 6.04
N LEU A 481 -0.77 35.93 6.72
CA LEU A 481 -2.06 36.45 6.25
C LEU A 481 -2.08 37.15 4.87
N GLY A 482 -0.93 37.60 4.41
CA GLY A 482 -0.81 38.22 3.08
C GLY A 482 -0.47 37.22 1.99
N ARG A 483 -0.26 35.93 2.37
CA ARG A 483 0.13 34.91 1.39
C ARG A 483 -1.01 34.13 0.80
N LYS A 484 -0.76 33.47 -0.32
CA LYS A 484 -1.68 32.50 -0.89
C LYS A 484 -0.87 31.20 -1.03
N ILE A 485 -1.56 30.06 -1.06
CA ILE A 485 -0.91 28.77 -1.32
C ILE A 485 -1.08 28.56 -2.82
N LEU A 486 0.05 28.57 -3.54
CA LEU A 486 0.08 28.51 -5.00
C LEU A 486 0.76 27.29 -5.58
N ILE A 487 1.26 26.41 -4.69
CA ILE A 487 1.84 25.13 -5.09
C ILE A 487 0.63 24.14 -5.29
N PRO A 488 0.83 22.95 -5.94
CA PRO A 488 -0.30 22.02 -6.14
C PRO A 488 -0.89 21.59 -4.81
N ALA A 489 -2.22 21.66 -4.68
CA ALA A 489 -2.93 21.37 -3.42
C ALA A 489 -4.22 20.60 -3.61
N LEU A 490 -4.49 19.68 -2.70
CA LEU A 490 -5.68 18.84 -2.68
C LEU A 490 -6.33 18.89 -1.30
N MET A 491 -7.66 19.10 -1.30
CA MET A 491 -8.46 19.08 -0.08
C MET A 491 -9.46 17.92 -0.20
N VAL A 492 -9.41 16.97 0.76
CA VAL A 492 -10.31 15.82 0.76
C VAL A 492 -11.27 15.94 1.92
N THR A 493 -12.58 16.06 1.61
CA THR A 493 -13.60 16.18 2.66
C THR A 493 -14.26 14.84 2.86
N ALA A 494 -14.69 14.58 4.10
CA ALA A 494 -15.35 13.34 4.52
C ALA A 494 -16.76 13.74 4.94
N GLU A 495 -17.77 13.25 4.23
CA GLU A 495 -19.18 13.59 4.45
C GLU A 495 -19.64 13.58 5.91
N LYS A 496 -19.24 12.57 6.67
CA LYS A 496 -19.71 12.31 8.02
C LYS A 496 -18.74 12.64 9.15
N ASP A 497 -17.70 13.44 8.86
CA ASP A 497 -16.84 13.87 9.95
C ASP A 497 -17.63 15.04 10.59
N PHE A 498 -18.17 14.82 11.82
CA PHE A 498 -19.00 15.84 12.46
C PHE A 498 -18.26 16.96 13.19
N VAL A 499 -16.92 16.89 13.19
CA VAL A 499 -16.07 17.93 13.76
C VAL A 499 -15.44 18.72 12.61
N LEU A 500 -14.71 18.01 11.72
CA LEU A 500 -14.08 18.59 10.52
C LEU A 500 -15.07 18.43 9.37
N VAL A 501 -16.20 19.18 9.46
CA VAL A 501 -17.29 19.10 8.49
C VAL A 501 -16.86 19.62 7.12
N PRO A 502 -17.36 19.00 6.01
CA PRO A 502 -16.99 19.49 4.66
C PRO A 502 -17.23 20.98 4.41
N GLN A 503 -18.33 21.55 4.95
CA GLN A 503 -18.65 22.97 4.78
C GLN A 503 -17.60 23.94 5.34
N MET A 504 -16.80 23.50 6.34
CA MET A 504 -15.75 24.33 6.92
C MET A 504 -14.66 24.64 5.89
N SER A 505 -14.59 23.83 4.80
CA SER A 505 -13.59 24.02 3.72
C SER A 505 -14.09 24.93 2.60
N GLN A 506 -15.38 25.35 2.65
CA GLN A 506 -16.00 26.14 1.57
C GLN A 506 -15.28 27.40 1.04
N HIS A 507 -14.51 28.11 1.89
CA HIS A 507 -13.79 29.33 1.46
C HIS A 507 -12.32 29.14 1.08
N MET A 508 -11.85 27.89 1.07
CA MET A 508 -10.44 27.61 0.79
C MET A 508 -9.90 28.17 -0.54
N GLU A 509 -10.70 28.16 -1.61
CA GLU A 509 -10.31 28.69 -2.93
C GLU A 509 -9.88 30.15 -2.92
N ASP A 510 -10.31 30.94 -1.92
CA ASP A 510 -9.90 32.34 -1.75
C ASP A 510 -8.40 32.42 -1.42
N TRP A 511 -7.86 31.40 -0.72
CA TRP A 511 -6.45 31.31 -0.29
C TRP A 511 -5.63 30.38 -1.15
N ILE A 512 -6.29 29.42 -1.78
CA ILE A 512 -5.63 28.39 -2.61
C ILE A 512 -6.41 28.40 -3.94
N PRO A 513 -6.21 29.39 -4.83
CA PRO A 513 -7.04 29.45 -6.06
C PRO A 513 -7.06 28.22 -6.94
N HIS A 514 -5.93 27.50 -7.02
CA HIS A 514 -5.81 26.31 -7.89
C HIS A 514 -6.12 24.99 -7.16
N LEU A 515 -6.68 25.07 -5.95
CA LEU A 515 -7.06 23.89 -5.16
C LEU A 515 -7.85 22.86 -5.95
N LYS A 516 -7.45 21.59 -5.80
CA LYS A 516 -8.17 20.46 -6.35
C LYS A 516 -8.88 19.79 -5.18
N ARG A 517 -9.98 19.09 -5.44
CA ARG A 517 -10.74 18.47 -4.38
C ARG A 517 -11.07 17.02 -4.61
N GLY A 518 -11.33 16.34 -3.49
CA GLY A 518 -11.83 14.98 -3.41
C GLY A 518 -12.90 14.97 -2.35
N HIS A 519 -13.88 14.08 -2.45
CA HIS A 519 -14.94 14.01 -1.43
C HIS A 519 -15.33 12.58 -1.22
N ILE A 520 -15.41 12.16 0.05
CA ILE A 520 -15.75 10.78 0.38
C ILE A 520 -17.09 10.71 1.13
N GLU A 521 -18.06 10.08 0.49
CA GLU A 521 -19.38 9.90 1.08
C GLU A 521 -19.33 8.79 2.11
N ASP A 522 -20.23 8.87 3.12
CA ASP A 522 -20.41 7.88 4.20
C ASP A 522 -19.07 7.62 4.91
N CYS A 523 -18.25 8.69 5.05
CA CYS A 523 -16.94 8.59 5.68
C CYS A 523 -16.86 9.48 6.92
N GLY A 524 -16.49 8.86 8.02
CA GLY A 524 -16.32 9.54 9.30
C GLY A 524 -14.95 10.22 9.40
N HIS A 525 -14.54 10.53 10.64
CA HIS A 525 -13.28 11.20 10.90
C HIS A 525 -12.04 10.37 10.55
N TRP A 526 -12.10 9.04 10.72
CA TRP A 526 -10.92 8.16 10.56
C TRP A 526 -10.82 7.70 9.12
N THR A 527 -10.68 8.69 8.22
CA THR A 527 -10.71 8.57 6.77
C THR A 527 -9.97 7.39 6.17
N GLN A 528 -8.66 7.28 6.51
CA GLN A 528 -7.77 6.27 5.97
C GLN A 528 -8.24 4.87 6.19
N MET A 529 -8.81 4.57 7.38
CA MET A 529 -9.26 3.20 7.68
C MET A 529 -10.76 3.01 7.43
N ASP A 530 -11.53 4.11 7.38
CA ASP A 530 -12.97 4.07 7.13
C ASP A 530 -13.19 3.73 5.66
N LYS A 531 -12.55 4.50 4.78
CA LYS A 531 -12.71 4.33 3.34
C LYS A 531 -11.33 4.22 2.65
N PRO A 532 -10.52 3.15 2.93
CA PRO A 532 -9.17 3.06 2.34
C PRO A 532 -9.10 2.98 0.85
N THR A 533 -9.98 2.20 0.22
CA THR A 533 -10.02 2.08 -1.23
C THR A 533 -10.24 3.45 -1.87
N GLU A 534 -11.20 4.23 -1.35
CA GLU A 534 -11.49 5.54 -1.91
C GLU A 534 -10.40 6.58 -1.65
N VAL A 535 -9.78 6.54 -0.46
CA VAL A 535 -8.63 7.42 -0.17
C VAL A 535 -7.51 7.12 -1.19
N ASN A 536 -7.19 5.82 -1.38
CA ASN A 536 -6.12 5.42 -2.30
C ASN A 536 -6.37 5.91 -3.72
N GLN A 537 -7.61 5.72 -4.22
CA GLN A 537 -7.98 6.17 -5.56
C GLN A 537 -7.78 7.72 -5.74
N ILE A 538 -8.29 8.53 -4.81
CA ILE A 538 -8.17 10.00 -4.83
C ILE A 538 -6.70 10.46 -4.77
N LEU A 539 -5.95 9.92 -3.79
CA LEU A 539 -4.54 10.29 -3.63
C LEU A 539 -3.68 9.89 -4.83
N ILE A 540 -3.84 8.65 -5.35
CA ILE A 540 -3.05 8.20 -6.50
C ILE A 540 -3.36 9.03 -7.74
N LYS A 541 -4.65 9.29 -8.01
CA LYS A 541 -5.06 10.10 -9.16
C LYS A 541 -4.43 11.51 -9.07
N TRP A 542 -4.53 12.14 -7.90
CA TRP A 542 -3.95 13.46 -7.67
C TRP A 542 -2.40 13.48 -7.76
N LEU A 543 -1.71 12.51 -7.12
CA LEU A 543 -0.25 12.43 -7.21
C LEU A 543 0.21 12.30 -8.66
N ASP A 544 -0.43 11.40 -9.43
CA ASP A 544 -0.06 11.16 -10.83
C ASP A 544 -0.26 12.36 -11.74
N SER A 545 -1.26 13.21 -11.48
CA SER A 545 -1.47 14.41 -12.29
C SER A 545 -0.74 15.66 -11.79
N ASP A 546 -0.62 15.85 -10.45
CA ASP A 546 -0.07 17.05 -9.82
C ASP A 546 1.30 16.99 -9.10
N ALA A 547 1.79 15.79 -8.79
CA ALA A 547 3.04 15.66 -8.02
C ALA A 547 4.18 15.00 -8.79
N ARG A 548 3.87 14.36 -9.93
CA ARG A 548 4.82 13.66 -10.79
C ARG A 548 5.87 14.58 -11.42
S SO4 B . -7.14 20.20 14.16
O1 SO4 B . -7.08 18.94 13.40
O2 SO4 B . -8.45 20.81 13.95
O3 SO4 B . -6.97 19.95 15.60
O4 SO4 B . -6.10 21.12 13.70
C1 PEG C . -17.47 22.77 -0.56
O1 PEG C . -16.76 23.60 -1.52
C2 PEG C . -16.98 21.37 -0.62
O2 PEG C . -17.94 20.46 -0.12
C3 PEG C . -17.91 19.22 -0.83
C4 PEG C . -19.27 18.60 -1.01
O4 PEG C . -19.34 17.86 -2.24
O13 TGX D . -16.48 12.98 13.65
C11 TGX D . -15.67 13.02 14.57
C12 TGX D . -15.83 12.15 15.79
N10 TGX D . -14.57 13.87 14.59
C7 TGX D . -13.43 13.74 15.38
C3 TGX D . -13.17 12.60 16.13
C9 TGX D . -12.54 14.79 15.38
C5 TGX D . -11.37 14.71 16.13
C2 TGX D . -11.12 13.59 16.88
C6 TGX D . -9.87 13.54 17.69
C1 TGX D . -12.01 12.53 16.89
S8 TGX D . -14.31 11.25 16.15
S SO4 E . 21.61 24.36 9.00
O1 SO4 E . 22.37 23.49 9.96
O2 SO4 E . 21.41 23.61 7.82
O3 SO4 E . 20.30 24.72 9.57
O4 SO4 E . 22.39 25.62 8.73
#